data_6T5Y
#
_entry.id   6T5Y
#
_cell.length_a   137.760
_cell.length_b   137.760
_cell.length_c   137.760
_cell.angle_alpha   90.000
_cell.angle_beta   90.000
_cell.angle_gamma   90.000
#
_symmetry.space_group_name_H-M   'P 43 3 2'
#
loop_
_entity.id
_entity.type
_entity.pdbx_description
1 polymer Beta-lactamase
2 non-polymer DI(HYDROXYETHYL)ETHER
3 non-polymer "(2S,5R)-1-formyl-N'-[(3R)-piperidine-3-carbonyl]-5-[(sulfooxy)amino]piperidine-2-carbohydrazide"
4 non-polymer 'ZINC ION'
5 non-polymer 'CHLORIDE ION'
6 water water
#
_entity_poly.entity_id   1
_entity_poly.type   'polypeptide(L)'
_entity_poly.pdbx_seq_one_letter_code
;APQQINDIVHRTITPLIEQQKIPGMAVAVIYQGKPYYFTWGYADIAKKQPVTQQTLFELGSVSKTFTGVLGGDAIARGEI
KLSDPTTKYWPELTAKQWNGITLLHLATYTAGGLPLQVPDEVKSSSDLLRFYQNWQPAWAPGTQRLYANSSIGLFGALAV
KPSGLSFEQAMQTRVFQPLKLNHTWINVPPAEEKNYAWGYREGKAVHVSPGALDAEAYGVKSTIEDMARWVQSNLKPLDI
NEKTLQQGIQLAQSRYWQTGDMYQGLGWEMLDWPVNPDSIINGSDNKIALAARPVKAITPPTPAVRASWVHKTGATGGFG
SYVAFIPEKELGIVMLANKNYPNPARVDAAWQILNALQ
;
_entity_poly.pdbx_strand_id   A
#
loop_
_chem_comp.id
_chem_comp.type
_chem_comp.name
_chem_comp.formula
C8V non-polymer (2S,5R)-1-formyl-N'-[(3R)-piperidine-3-carbonyl]-5-[(sulfooxy)amino]piperidine-2-carbohydrazide 'C13 H23 N5 O7 S'
CL non-polymer 'CHLORIDE ION' 'Cl -1'
PEG non-polymer DI(HYDROXYETHYL)ETHER 'C4 H10 O3'
ZN non-polymer 'ZINC ION' 'Zn 2'
#
# COMPACT_ATOMS: atom_id res chain seq x y z
N ALA A 1 -25.32 8.67 -6.41
CA ALA A 1 -24.16 9.42 -6.90
C ALA A 1 -24.53 10.34 -8.06
N PRO A 2 -23.76 11.42 -8.25
CA PRO A 2 -23.91 12.25 -9.46
C PRO A 2 -23.85 11.43 -10.73
N GLN A 3 -24.65 11.84 -11.73
CA GLN A 3 -24.75 11.06 -12.97
C GLN A 3 -23.40 10.92 -13.64
N GLN A 4 -22.56 11.96 -13.59
CA GLN A 4 -21.27 11.87 -14.28
C GLN A 4 -20.40 10.77 -13.68
N ILE A 5 -20.49 10.58 -12.35
CA ILE A 5 -19.74 9.52 -11.71
C ILE A 5 -20.30 8.15 -12.10
N ASN A 6 -21.62 7.98 -11.99
CA ASN A 6 -22.23 6.71 -12.36
C ASN A 6 -21.84 6.33 -13.79
N ASP A 7 -21.92 7.31 -14.71
N ASP A 7 -21.85 7.30 -14.70
CA ASP A 7 -21.64 7.04 -16.12
CA ASP A 7 -21.65 6.97 -16.10
C ASP A 7 -20.20 6.59 -16.33
C ASP A 7 -20.20 6.64 -16.41
N ILE A 8 -19.24 7.37 -15.85
CA ILE A 8 -17.84 7.02 -16.09
C ILE A 8 -17.48 5.71 -15.42
N VAL A 9 -18.03 5.45 -14.23
CA VAL A 9 -17.74 4.18 -13.54
C VAL A 9 -18.27 3.00 -14.34
N HIS A 10 -19.52 3.09 -14.80
CA HIS A 10 -20.04 1.98 -15.59
C HIS A 10 -19.17 1.76 -16.83
N ARG A 11 -18.90 2.83 -17.58
CA ARG A 11 -18.24 2.72 -18.86
C ARG A 11 -16.78 2.31 -18.73
N THR A 12 -16.19 2.47 -17.55
CA THR A 12 -14.80 2.10 -17.34
C THR A 12 -14.67 0.75 -16.64
N ILE A 13 -15.41 0.55 -15.54
CA ILE A 13 -15.20 -0.64 -14.74
C ILE A 13 -15.94 -1.86 -15.28
N THR A 14 -17.17 -1.71 -15.77
CA THR A 14 -17.85 -2.90 -16.29
C THR A 14 -17.05 -3.50 -17.43
N PRO A 15 -16.54 -2.72 -18.40
CA PRO A 15 -15.68 -3.34 -19.43
C PRO A 15 -14.39 -3.92 -18.89
N LEU A 16 -13.78 -3.29 -17.89
CA LEU A 16 -12.59 -3.86 -17.26
C LEU A 16 -12.90 -5.26 -16.73
N ILE A 17 -14.02 -5.38 -16.01
CA ILE A 17 -14.45 -6.67 -15.46
C ILE A 17 -14.67 -7.68 -16.59
N GLU A 18 -15.32 -7.26 -17.68
CA GLU A 18 -15.50 -8.10 -18.86
C GLU A 18 -14.15 -8.53 -19.45
N GLN A 19 -13.24 -7.56 -19.65
CA GLN A 19 -11.95 -7.83 -20.28
C GLN A 19 -11.08 -8.77 -19.44
N GLN A 20 -11.11 -8.62 -18.10
CA GLN A 20 -10.18 -9.32 -17.21
C GLN A 20 -10.82 -10.50 -16.50
N LYS A 21 -12.10 -10.74 -16.70
CA LYS A 21 -12.78 -11.90 -16.12
C LYS A 21 -12.73 -11.86 -14.60
N ILE A 22 -12.99 -10.68 -14.03
CA ILE A 22 -12.93 -10.49 -12.58
C ILE A 22 -14.22 -10.98 -11.94
N PRO A 23 -14.18 -11.91 -10.97
CA PRO A 23 -15.45 -12.43 -10.42
C PRO A 23 -16.19 -11.46 -9.52
N GLY A 24 -15.48 -10.59 -8.79
CA GLY A 24 -16.06 -9.69 -7.82
C GLY A 24 -15.21 -8.46 -7.70
N MET A 25 -15.85 -7.31 -7.53
N MET A 25 -15.85 -7.30 -7.57
CA MET A 25 -15.13 -6.06 -7.48
CA MET A 25 -15.13 -6.02 -7.55
C MET A 25 -15.89 -5.03 -6.67
C MET A 25 -15.90 -5.03 -6.67
N ALA A 26 -15.14 -4.22 -5.93
CA ALA A 26 -15.68 -3.07 -5.23
C ALA A 26 -14.83 -1.85 -5.59
N VAL A 27 -15.50 -0.73 -5.84
CA VAL A 27 -14.85 0.53 -6.18
C VAL A 27 -15.45 1.62 -5.32
N ALA A 28 -14.58 2.49 -4.81
CA ALA A 28 -15.00 3.75 -4.21
C ALA A 28 -14.38 4.88 -5.02
N VAL A 29 -15.22 5.81 -5.45
CA VAL A 29 -14.75 7.04 -6.06
C VAL A 29 -14.97 8.15 -5.05
N ILE A 30 -13.88 8.82 -4.66
CA ILE A 30 -13.96 9.97 -3.78
C ILE A 30 -13.96 11.21 -4.66
N TYR A 31 -15.06 11.95 -4.61
CA TYR A 31 -15.26 13.12 -5.44
C TYR A 31 -15.67 14.25 -4.52
N GLN A 32 -14.95 15.37 -4.60
CA GLN A 32 -15.14 16.48 -3.66
C GLN A 32 -15.15 15.96 -2.23
N GLY A 33 -14.24 15.01 -1.94
CA GLY A 33 -14.04 14.52 -0.60
C GLY A 33 -15.00 13.46 -0.13
N LYS A 34 -16.03 13.11 -0.92
CA LYS A 34 -17.09 12.21 -0.49
C LYS A 34 -16.99 10.89 -1.25
N PRO A 35 -17.08 9.74 -0.58
CA PRO A 35 -17.04 8.47 -1.32
C PRO A 35 -18.38 8.07 -1.91
N TYR A 36 -18.30 7.49 -3.10
CA TYR A 36 -19.42 6.87 -3.80
C TYR A 36 -19.01 5.44 -4.10
N TYR A 37 -19.84 4.50 -3.71
CA TYR A 37 -19.52 3.08 -3.74
C TYR A 37 -20.22 2.35 -4.86
N PHE A 38 -19.52 1.36 -5.42
CA PHE A 38 -20.00 0.53 -6.50
C PHE A 38 -19.50 -0.90 -6.25
N THR A 39 -20.35 -1.88 -6.51
CA THR A 39 -19.94 -3.27 -6.37
C THR A 39 -20.45 -4.08 -7.55
N TRP A 40 -19.74 -5.16 -7.86
CA TRP A 40 -20.11 -6.08 -8.92
C TRP A 40 -19.78 -7.51 -8.48
N GLY A 41 -20.57 -8.46 -8.93
CA GLY A 41 -20.16 -9.85 -8.86
C GLY A 41 -20.18 -10.45 -7.47
N TYR A 42 -19.34 -11.47 -7.31
CA TYR A 42 -19.40 -12.38 -6.17
C TYR A 42 -18.13 -12.36 -5.35
N ALA A 43 -18.30 -12.34 -4.03
CA ALA A 43 -17.23 -12.58 -3.09
C ALA A 43 -16.89 -14.06 -2.99
N ASP A 44 -17.90 -14.91 -3.13
CA ASP A 44 -17.76 -16.36 -3.10
C ASP A 44 -18.64 -16.90 -4.22
N ILE A 45 -18.01 -17.37 -5.29
CA ILE A 45 -18.74 -17.81 -6.49
C ILE A 45 -19.66 -18.98 -6.15
N ALA A 46 -19.11 -20.03 -5.53
CA ALA A 46 -19.90 -21.24 -5.33
C ALA A 46 -21.08 -21.01 -4.40
N LYS A 47 -20.90 -20.16 -3.37
N LYS A 47 -20.90 -20.16 -3.37
CA LYS A 47 -21.98 -19.85 -2.46
CA LYS A 47 -21.97 -19.83 -2.45
C LYS A 47 -22.90 -18.76 -3.00
C LYS A 47 -22.91 -18.77 -3.01
N LYS A 48 -22.55 -18.17 -4.14
CA LYS A 48 -23.33 -17.09 -4.75
C LYS A 48 -23.50 -15.92 -3.78
N GLN A 49 -22.43 -15.62 -3.03
CA GLN A 49 -22.47 -14.51 -2.09
C GLN A 49 -21.98 -13.25 -2.79
N PRO A 50 -22.81 -12.21 -2.92
CA PRO A 50 -22.39 -11.03 -3.67
C PRO A 50 -21.33 -10.23 -2.93
N VAL A 51 -20.53 -9.51 -3.71
CA VAL A 51 -19.72 -8.45 -3.12
C VAL A 51 -20.64 -7.37 -2.57
N THR A 52 -20.36 -6.92 -1.35
CA THR A 52 -21.08 -5.81 -0.72
C THR A 52 -20.05 -4.81 -0.21
N GLN A 53 -20.54 -3.72 0.35
CA GLN A 53 -19.67 -2.72 0.96
C GLN A 53 -19.02 -3.22 2.25
N GLN A 54 -19.42 -4.39 2.76
CA GLN A 54 -18.81 -5.03 3.91
C GLN A 54 -17.88 -6.20 3.55
N THR A 55 -17.71 -6.49 2.27
CA THR A 55 -16.82 -7.58 1.87
C THR A 55 -15.36 -7.20 2.14
N LEU A 56 -14.63 -8.12 2.75
CA LEU A 56 -13.20 -7.95 2.96
C LEU A 56 -12.42 -8.49 1.77
N PHE A 57 -11.49 -7.68 1.27
CA PHE A 57 -10.56 -8.07 0.22
C PHE A 57 -9.13 -8.06 0.76
N GLU A 58 -8.27 -8.92 0.21
CA GLU A 58 -6.83 -8.83 0.50
C GLU A 58 -6.24 -7.64 -0.23
N LEU A 59 -5.60 -6.75 0.52
CA LEU A 59 -4.99 -5.55 -0.06
C LEU A 59 -3.62 -5.82 -0.68
N GLY A 60 -2.99 -6.94 -0.35
CA GLY A 60 -1.63 -7.15 -0.81
C GLY A 60 -0.73 -5.98 -0.45
N SER A 61 0.10 -5.55 -1.39
N SER A 61 0.10 -5.56 -1.40
CA SER A 61 1.09 -4.54 -1.09
CA SER A 61 1.12 -4.56 -1.12
C SER A 61 0.56 -3.16 -0.78
C SER A 61 0.56 -3.17 -0.78
N VAL A 62 -0.74 -2.93 -0.98
CA VAL A 62 -1.36 -1.69 -0.48
C VAL A 62 -1.18 -1.61 1.06
N SER A 63 -0.99 -2.77 1.69
CA SER A 63 -0.67 -2.81 3.11
C SER A 63 0.52 -1.92 3.47
N LYS A 64 1.46 -1.76 2.55
CA LYS A 64 2.65 -0.95 2.83
C LYS A 64 2.29 0.50 3.15
N THR A 65 1.15 1.01 2.66
CA THR A 65 0.77 2.38 2.98
C THR A 65 0.45 2.51 4.47
N PHE A 66 -0.19 1.48 5.05
CA PHE A 66 -0.41 1.48 6.49
C PHE A 66 0.92 1.41 7.24
N THR A 67 1.83 0.54 6.79
CA THR A 67 3.14 0.43 7.43
C THR A 67 3.90 1.75 7.37
N GLY A 68 3.86 2.42 6.22
CA GLY A 68 4.55 3.69 6.10
C GLY A 68 3.99 4.75 7.04
N VAL A 69 2.68 4.83 7.14
CA VAL A 69 2.04 5.80 8.02
C VAL A 69 2.30 5.46 9.49
N LEU A 70 2.28 4.18 9.85
CA LEU A 70 2.65 3.79 11.21
C LEU A 70 4.09 4.19 11.53
N GLY A 71 4.98 4.02 10.57
CA GLY A 71 6.35 4.47 10.77
C GLY A 71 6.43 5.97 10.89
N GLY A 72 5.68 6.71 10.07
CA GLY A 72 5.62 8.15 10.19
C GLY A 72 5.10 8.59 11.56
N ASP A 73 4.09 7.90 12.06
CA ASP A 73 3.56 8.18 13.40
C ASP A 73 4.64 7.95 14.46
N ALA A 74 5.46 6.91 14.31
CA ALA A 74 6.56 6.68 15.24
C ALA A 74 7.62 7.79 15.16
N ILE A 75 7.89 8.31 13.97
CA ILE A 75 8.78 9.47 13.83
C ILE A 75 8.22 10.66 14.58
N ALA A 76 6.93 10.92 14.39
CA ALA A 76 6.29 12.08 15.00
C ALA A 76 6.21 11.96 16.53
N ARG A 77 6.23 10.74 17.06
CA ARG A 77 6.32 10.51 18.49
C ARG A 77 7.75 10.64 19.03
N GLY A 78 8.74 10.79 18.15
CA GLY A 78 10.13 10.77 18.58
C GLY A 78 10.68 9.40 18.90
N GLU A 79 9.95 8.33 18.55
CA GLU A 79 10.38 6.98 18.89
C GLU A 79 11.50 6.48 18.01
N ILE A 80 11.53 6.90 16.73
CA ILE A 80 12.57 6.55 15.78
C ILE A 80 12.95 7.78 14.98
N LYS A 81 14.13 7.72 14.36
CA LYS A 81 14.53 8.66 13.33
C LYS A 81 14.90 7.84 12.10
N LEU A 82 14.55 8.35 10.91
CA LEU A 82 14.90 7.64 9.70
C LEU A 82 16.41 7.52 9.50
N SER A 83 17.20 8.42 10.09
CA SER A 83 18.65 8.32 9.98
C SER A 83 19.24 7.29 10.92
N ASP A 84 18.44 6.69 11.80
CA ASP A 84 18.98 5.74 12.76
C ASP A 84 19.50 4.49 12.04
N PRO A 85 20.63 3.93 12.50
CA PRO A 85 21.08 2.66 11.96
C PRO A 85 20.13 1.52 12.32
N THR A 86 19.98 0.58 11.38
CA THR A 86 19.20 -0.63 11.63
C THR A 86 19.67 -1.32 12.90
N THR A 87 21.00 -1.34 13.12
CA THR A 87 21.57 -2.06 14.25
C THR A 87 21.20 -1.46 15.60
N LYS A 88 20.71 -0.21 15.63
CA LYS A 88 20.23 0.33 16.89
C LYS A 88 19.05 -0.49 17.43
N TYR A 89 18.19 -0.96 16.52
CA TYR A 89 16.97 -1.69 16.84
C TYR A 89 17.16 -3.19 16.82
N TRP A 90 18.21 -3.68 16.17
CA TRP A 90 18.50 -5.11 16.12
C TRP A 90 19.99 -5.29 16.24
N PRO A 91 20.53 -5.17 17.46
CA PRO A 91 21.99 -5.24 17.62
C PRO A 91 22.60 -6.58 17.25
N GLU A 92 21.80 -7.65 17.23
CA GLU A 92 22.30 -8.95 16.80
C GLU A 92 22.66 -9.00 15.33
N LEU A 93 22.25 -8.02 14.54
N LEU A 93 22.28 -7.99 14.55
CA LEU A 93 22.66 -7.90 13.14
CA LEU A 93 22.65 -7.88 13.14
C LEU A 93 24.09 -7.34 13.13
C LEU A 93 24.09 -7.35 13.08
N THR A 94 25.03 -8.22 13.43
CA THR A 94 26.42 -7.82 13.58
C THR A 94 27.20 -7.85 12.28
N ALA A 95 26.66 -8.44 11.21
CA ALA A 95 27.44 -8.56 9.97
C ALA A 95 27.75 -7.18 9.41
N LYS A 96 28.96 -7.05 8.84
CA LYS A 96 29.49 -5.73 8.50
C LYS A 96 28.73 -5.04 7.37
N GLN A 97 28.02 -5.79 6.54
CA GLN A 97 27.27 -5.16 5.45
C GLN A 97 26.15 -4.28 5.98
N TRP A 98 25.78 -4.43 7.25
CA TRP A 98 24.72 -3.60 7.83
C TRP A 98 25.23 -2.26 8.30
N ASN A 99 26.55 -2.05 8.33
CA ASN A 99 27.09 -0.74 8.67
C ASN A 99 26.64 0.27 7.64
N GLY A 100 25.95 1.30 8.09
CA GLY A 100 25.50 2.32 7.19
C GLY A 100 24.10 2.15 6.62
N ILE A 101 23.40 1.06 6.92
CA ILE A 101 22.04 0.87 6.44
C ILE A 101 21.08 1.39 7.52
N THR A 102 20.31 2.40 7.15
CA THR A 102 19.44 3.10 8.09
C THR A 102 17.98 2.66 7.92
N LEU A 103 17.14 3.11 8.85
CA LEU A 103 15.71 2.87 8.70
C LEU A 103 15.17 3.49 7.42
N LEU A 104 15.68 4.66 7.02
CA LEU A 104 15.27 5.25 5.76
C LEU A 104 15.48 4.27 4.62
N HIS A 105 16.67 3.67 4.56
CA HIS A 105 16.96 2.73 3.48
C HIS A 105 15.98 1.57 3.47
N LEU A 106 15.71 0.99 4.64
CA LEU A 106 14.76 -0.11 4.71
C LEU A 106 13.38 0.34 4.22
N ALA A 107 12.92 1.50 4.69
CA ALA A 107 11.57 1.94 4.39
C ALA A 107 11.37 2.21 2.90
N THR A 108 12.43 2.60 2.19
CA THR A 108 12.34 3.10 0.82
C THR A 108 13.00 2.18 -0.20
N TYR A 109 13.36 0.96 0.19
CA TYR A 109 13.88 -0.07 -0.72
C TYR A 109 15.27 0.28 -1.24
N THR A 110 16.04 1.07 -0.49
CA THR A 110 17.32 1.58 -0.94
C THR A 110 18.50 1.03 -0.13
N ALA A 111 18.32 -0.09 0.57
CA ALA A 111 19.39 -0.64 1.39
C ALA A 111 20.52 -1.27 0.57
N GLY A 112 20.28 -1.57 -0.70
CA GLY A 112 21.30 -2.11 -1.58
C GLY A 112 20.99 -3.49 -2.12
N GLY A 113 19.73 -3.81 -2.35
CA GLY A 113 19.33 -5.03 -3.00
C GLY A 113 18.77 -6.10 -2.10
N LEU A 114 18.16 -5.74 -0.99
CA LEU A 114 17.39 -6.72 -0.24
C LEU A 114 16.34 -7.32 -1.19
N PRO A 115 16.08 -8.62 -1.09
CA PRO A 115 15.26 -9.28 -2.13
C PRO A 115 13.77 -9.01 -2.01
N LEU A 116 13.11 -9.21 -3.14
CA LEU A 116 11.68 -8.98 -3.24
C LEU A 116 10.92 -9.68 -2.11
N GLN A 117 11.22 -10.97 -1.88
CA GLN A 117 10.53 -11.74 -0.86
C GLN A 117 11.49 -12.20 0.23
N VAL A 118 10.98 -12.27 1.45
CA VAL A 118 11.65 -13.11 2.45
C VAL A 118 11.46 -14.57 2.04
N PRO A 119 12.50 -15.39 2.07
CA PRO A 119 12.35 -16.80 1.64
C PRO A 119 11.27 -17.53 2.43
N ASP A 120 10.52 -18.40 1.72
CA ASP A 120 9.46 -19.16 2.37
C ASP A 120 9.98 -20.06 3.49
N GLU A 121 11.27 -20.41 3.46
CA GLU A 121 11.83 -21.28 4.49
C GLU A 121 11.96 -20.58 5.84
N VAL A 122 11.84 -19.25 5.89
CA VAL A 122 11.97 -18.52 7.14
C VAL A 122 10.70 -18.72 7.95
N LYS A 123 10.79 -19.52 9.01
CA LYS A 123 9.64 -19.86 9.85
C LYS A 123 9.82 -19.42 11.30
N SER A 124 10.97 -18.87 11.68
CA SER A 124 11.23 -18.53 13.07
C SER A 124 12.09 -17.28 13.16
N SER A 125 12.20 -16.75 14.37
CA SER A 125 12.99 -15.55 14.57
C SER A 125 14.46 -15.79 14.26
N SER A 126 14.99 -16.96 14.64
CA SER A 126 16.39 -17.26 14.32
C SER A 126 16.58 -17.45 12.83
N ASP A 127 15.58 -18.01 12.13
CA ASP A 127 15.65 -18.09 10.68
C ASP A 127 15.75 -16.70 10.07
N LEU A 128 14.97 -15.75 10.60
CA LEU A 128 14.96 -14.40 10.05
C LEU A 128 16.30 -13.71 10.26
N LEU A 129 16.90 -13.87 11.45
CA LEU A 129 18.19 -13.28 11.72
C LEU A 129 19.25 -13.84 10.78
N ARG A 130 19.24 -15.16 10.58
CA ARG A 130 20.21 -15.77 9.69
C ARG A 130 20.06 -15.22 8.28
N PHE A 131 18.83 -15.06 7.82
CA PHE A 131 18.57 -14.51 6.49
C PHE A 131 19.21 -13.14 6.34
N TYR A 132 18.95 -12.22 7.27
CA TYR A 132 19.52 -10.88 7.12
C TYR A 132 21.02 -10.87 7.35
N GLN A 133 21.53 -11.74 8.25
CA GLN A 133 22.96 -11.78 8.53
C GLN A 133 23.74 -12.28 7.31
N ASN A 134 23.15 -13.15 6.51
CA ASN A 134 23.85 -13.73 5.37
C ASN A 134 23.62 -12.97 4.08
N TRP A 135 22.67 -12.05 4.05
CA TRP A 135 22.40 -11.31 2.83
C TRP A 135 23.58 -10.44 2.45
N GLN A 136 23.95 -10.46 1.17
CA GLN A 136 25.06 -9.66 0.68
C GLN A 136 24.54 -8.60 -0.29
N PRO A 137 24.75 -7.31 -0.02
CA PRO A 137 24.19 -6.29 -0.90
C PRO A 137 24.89 -6.25 -2.24
N ALA A 138 24.10 -5.99 -3.28
CA ALA A 138 24.62 -5.77 -4.62
C ALA A 138 25.12 -4.34 -4.82
N TRP A 139 24.63 -3.40 -4.01
CA TRP A 139 24.96 -1.98 -4.17
C TRP A 139 25.16 -1.35 -2.80
N ALA A 140 25.85 -0.22 -2.80
CA ALA A 140 26.01 0.55 -1.59
C ALA A 140 24.66 1.12 -1.17
N PRO A 141 24.46 1.40 0.12
CA PRO A 141 23.16 1.94 0.56
C PRO A 141 22.89 3.29 -0.08
N GLY A 142 21.60 3.56 -0.31
CA GLY A 142 21.21 4.87 -0.78
C GLY A 142 21.56 5.18 -2.21
N THR A 143 21.69 4.17 -3.07
CA THR A 143 22.03 4.39 -4.47
C THR A 143 21.05 3.79 -5.45
N GLN A 144 20.45 2.65 -5.15
CA GLN A 144 19.54 1.97 -6.05
C GLN A 144 18.28 1.58 -5.30
N ARG A 145 17.15 1.76 -5.94
CA ARG A 145 15.87 1.32 -5.41
C ARG A 145 15.51 -0.02 -6.02
N LEU A 146 15.26 -1.03 -5.17
CA LEU A 146 14.79 -2.34 -5.61
C LEU A 146 13.62 -2.70 -4.72
N TYR A 147 12.41 -2.58 -5.24
CA TYR A 147 11.21 -2.82 -4.43
C TYR A 147 11.32 -4.16 -3.74
N ALA A 148 11.05 -4.19 -2.43
CA ALA A 148 11.32 -5.39 -1.65
C ALA A 148 10.45 -5.49 -0.42
N ASN A 149 9.67 -6.59 -0.32
CA ASN A 149 8.96 -6.88 0.92
C ASN A 149 9.92 -7.07 2.08
N SER A 150 11.11 -7.65 1.83
CA SER A 150 12.05 -7.89 2.92
C SER A 150 12.66 -6.60 3.45
N SER A 151 12.55 -5.50 2.73
CA SER A 151 13.09 -4.22 3.14
C SER A 151 12.08 -3.46 4.00
N ILE A 152 10.93 -3.11 3.43
CA ILE A 152 9.95 -2.37 4.21
C ILE A 152 9.36 -3.27 5.30
N GLY A 153 9.34 -4.58 5.09
CA GLY A 153 8.88 -5.47 6.15
C GLY A 153 9.72 -5.35 7.39
N LEU A 154 11.05 -5.32 7.24
CA LEU A 154 11.93 -5.14 8.38
C LEU A 154 11.78 -3.75 8.97
N PHE A 155 11.61 -2.72 8.13
CA PHE A 155 11.34 -1.38 8.64
C PHE A 155 10.16 -1.38 9.61
N GLY A 156 9.04 -1.97 9.18
CA GLY A 156 7.86 -1.98 10.03
C GLY A 156 8.07 -2.71 11.34
N ALA A 157 8.76 -3.86 11.29
CA ALA A 157 9.01 -4.64 12.50
C ALA A 157 9.90 -3.88 13.47
N LEU A 158 10.89 -3.16 12.96
CA LEU A 158 11.78 -2.41 13.84
C LEU A 158 11.17 -1.11 14.33
N ALA A 159 10.34 -0.47 13.50
CA ALA A 159 9.81 0.84 13.83
C ALA A 159 8.93 0.79 15.08
N VAL A 160 8.31 -0.36 15.36
CA VAL A 160 7.44 -0.52 16.52
C VAL A 160 8.18 -0.94 17.78
N LYS A 161 9.47 -1.23 17.69
CA LYS A 161 10.15 -1.73 18.88
C LYS A 161 10.14 -0.75 20.06
N PRO A 162 10.37 0.54 19.86
CA PRO A 162 10.34 1.46 21.01
C PRO A 162 8.99 1.53 21.71
N SER A 163 7.90 1.22 21.01
CA SER A 163 6.60 1.26 21.65
C SER A 163 6.39 0.11 22.62
N GLY A 164 7.15 -0.97 22.49
CA GLY A 164 6.89 -2.18 23.24
C GLY A 164 5.70 -2.99 22.75
N LEU A 165 5.06 -2.57 21.67
CA LEU A 165 3.91 -3.26 21.12
C LEU A 165 4.34 -4.14 19.95
N SER A 166 3.59 -5.22 19.75
CA SER A 166 3.72 -5.96 18.50
C SER A 166 3.33 -5.06 17.33
N PHE A 167 3.79 -5.44 16.13
CA PHE A 167 3.38 -4.71 14.94
C PHE A 167 1.86 -4.64 14.85
N GLU A 168 1.17 -5.76 15.07
CA GLU A 168 -0.29 -5.79 14.95
C GLU A 168 -0.94 -4.89 15.99
N GLN A 169 -0.48 -4.94 17.24
CA GLN A 169 -1.09 -4.11 18.27
C GLN A 169 -0.83 -2.64 18.02
N ALA A 170 0.38 -2.30 17.58
CA ALA A 170 0.68 -0.90 17.24
C ALA A 170 -0.22 -0.43 16.11
N MET A 171 -0.37 -1.24 15.05
CA MET A 171 -1.22 -0.83 13.93
C MET A 171 -2.66 -0.63 14.38
N GLN A 172 -3.19 -1.56 15.17
N GLN A 172 -3.19 -1.58 15.16
CA GLN A 172 -4.59 -1.46 15.60
CA GLN A 172 -4.56 -1.48 15.64
C GLN A 172 -4.78 -0.23 16.49
C GLN A 172 -4.76 -0.19 16.43
N THR A 173 -3.88 -0.02 17.45
N THR A 173 -3.93 0.03 17.44
CA THR A 173 -4.08 1.04 18.43
CA THR A 173 -4.19 1.10 18.40
C THR A 173 -3.79 2.41 17.84
C THR A 173 -3.74 2.47 17.91
N ARG A 174 -2.76 2.52 16.99
CA ARG A 174 -2.26 3.82 16.55
C ARG A 174 -2.77 4.26 15.19
N VAL A 175 -3.28 3.34 14.37
CA VAL A 175 -3.77 3.70 13.04
C VAL A 175 -5.23 3.29 12.85
N PHE A 176 -5.54 1.99 12.95
CA PHE A 176 -6.89 1.56 12.59
C PHE A 176 -7.92 2.19 13.52
N GLN A 177 -7.71 2.09 14.83
CA GLN A 177 -8.72 2.55 15.78
C GLN A 177 -8.93 4.05 15.70
N PRO A 178 -7.91 4.90 15.72
CA PRO A 178 -8.18 6.34 15.65
C PRO A 178 -8.89 6.76 14.39
N LEU A 179 -8.65 6.06 13.27
CA LEU A 179 -9.29 6.37 12.00
C LEU A 179 -10.63 5.67 11.83
N LYS A 180 -11.07 4.91 12.84
CA LYS A 180 -12.34 4.18 12.80
C LYS A 180 -12.39 3.20 11.62
N LEU A 181 -11.26 2.55 11.34
CA LEU A 181 -11.20 1.47 10.35
C LEU A 181 -11.48 0.17 11.11
N ASN A 182 -12.76 -0.02 11.42
CA ASN A 182 -13.21 -1.09 12.31
C ASN A 182 -13.48 -2.39 11.59
N HIS A 183 -13.26 -2.43 10.27
CA HIS A 183 -13.35 -3.63 9.47
C HIS A 183 -12.11 -3.78 8.61
N THR A 184 -10.97 -3.49 9.21
CA THR A 184 -9.65 -3.62 8.61
C THR A 184 -8.81 -4.47 9.55
N TRP A 185 -8.18 -5.52 9.02
CA TRP A 185 -7.58 -6.54 9.85
C TRP A 185 -6.27 -7.03 9.29
N ILE A 186 -5.28 -7.24 10.17
CA ILE A 186 -4.13 -8.05 9.82
C ILE A 186 -4.50 -9.53 9.90
N ASN A 187 -5.24 -9.91 10.94
CA ASN A 187 -5.76 -11.26 11.13
C ASN A 187 -7.27 -11.15 11.24
N VAL A 188 -7.98 -11.77 10.32
CA VAL A 188 -9.44 -11.66 10.28
C VAL A 188 -10.00 -12.44 11.46
N PRO A 189 -10.77 -11.82 12.34
CA PRO A 189 -11.32 -12.56 13.50
C PRO A 189 -12.39 -13.57 13.04
N PRO A 190 -12.58 -14.63 13.81
CA PRO A 190 -13.57 -15.65 13.39
C PRO A 190 -14.93 -15.09 13.04
N ALA A 191 -15.43 -14.13 13.82
CA ALA A 191 -16.76 -13.60 13.57
C ALA A 191 -16.84 -12.77 12.30
N GLU A 192 -15.70 -12.39 11.72
CA GLU A 192 -15.68 -11.61 10.49
C GLU A 192 -15.38 -12.46 9.26
N GLU A 193 -15.06 -13.75 9.44
CA GLU A 193 -14.71 -14.59 8.30
C GLU A 193 -15.84 -14.67 7.28
N LYS A 194 -17.10 -14.53 7.74
CA LYS A 194 -18.23 -14.58 6.82
C LYS A 194 -18.17 -13.51 5.74
N ASN A 195 -17.45 -12.42 5.97
CA ASN A 195 -17.36 -11.35 4.99
C ASN A 195 -16.08 -11.40 4.17
N TYR A 196 -15.22 -12.39 4.39
CA TYR A 196 -13.91 -12.45 3.74
C TYR A 196 -14.09 -13.11 2.36
N ALA A 197 -13.97 -12.30 1.32
CA ALA A 197 -14.07 -12.82 -0.04
C ALA A 197 -13.01 -13.87 -0.29
N TRP A 198 -13.30 -14.78 -1.21
CA TRP A 198 -12.28 -15.66 -1.75
C TRP A 198 -11.62 -14.98 -2.93
N GLY A 199 -10.31 -15.18 -3.05
CA GLY A 199 -9.60 -14.84 -4.26
C GLY A 199 -9.66 -15.98 -5.23
N TYR A 200 -9.52 -15.67 -6.52
CA TYR A 200 -9.65 -16.69 -7.56
C TYR A 200 -8.41 -16.68 -8.43
N ARG A 201 -7.76 -17.83 -8.52
CA ARG A 201 -6.55 -18.01 -9.33
C ARG A 201 -6.73 -19.31 -10.09
N GLU A 202 -6.75 -19.22 -11.41
CA GLU A 202 -6.94 -20.39 -12.27
C GLU A 202 -8.17 -21.19 -11.86
N GLY A 203 -9.22 -20.49 -11.46
CA GLY A 203 -10.48 -21.12 -11.11
C GLY A 203 -10.59 -21.59 -9.68
N LYS A 204 -9.51 -21.51 -8.91
CA LYS A 204 -9.48 -22.03 -7.55
C LYS A 204 -9.64 -20.89 -6.55
N ALA A 205 -10.42 -21.14 -5.50
CA ALA A 205 -10.60 -20.19 -4.41
C ALA A 205 -9.41 -20.25 -3.46
N VAL A 206 -8.78 -19.10 -3.25
CA VAL A 206 -7.55 -19.03 -2.47
C VAL A 206 -7.54 -17.82 -1.55
N HIS A 207 -6.84 -17.98 -0.43
CA HIS A 207 -6.46 -16.87 0.45
C HIS A 207 -4.94 -16.86 0.60
N VAL A 208 -4.40 -15.69 0.89
CA VAL A 208 -2.96 -15.55 1.06
C VAL A 208 -2.47 -16.43 2.21
N SER A 209 -1.27 -17.02 2.04
CA SER A 209 -0.71 -17.89 3.07
C SER A 209 0.15 -17.07 4.03
N PRO A 210 0.29 -17.56 5.26
CA PRO A 210 1.18 -16.89 6.21
C PRO A 210 2.62 -16.86 5.71
N GLY A 211 3.31 -15.75 5.99
CA GLY A 211 4.73 -15.66 5.69
C GLY A 211 5.40 -14.65 6.59
N ALA A 212 6.72 -14.76 6.68
CA ALA A 212 7.49 -13.83 7.51
C ALA A 212 7.27 -12.38 7.06
N LEU A 213 6.99 -11.50 8.02
CA LEU A 213 6.80 -10.08 7.77
C LEU A 213 5.60 -9.82 6.85
N ASP A 214 4.65 -10.75 6.80
CA ASP A 214 3.49 -10.57 5.94
C ASP A 214 2.66 -9.36 6.35
N ALA A 215 2.43 -9.16 7.65
CA ALA A 215 1.56 -8.07 8.08
C ALA A 215 2.09 -6.74 7.59
N GLU A 216 3.41 -6.57 7.63
CA GLU A 216 4.08 -5.33 7.28
C GLU A 216 4.07 -5.07 5.78
N ALA A 217 4.16 -6.12 4.96
CA ALA A 217 4.37 -5.96 3.54
C ALA A 217 3.16 -6.24 2.67
N TYR A 218 2.30 -7.19 3.04
CA TYR A 218 1.22 -7.56 2.14
C TYR A 218 -0.02 -8.19 2.77
N GLY A 219 -0.18 -8.14 4.09
CA GLY A 219 -1.14 -8.98 4.79
C GLY A 219 -2.44 -8.37 5.28
N VAL A 220 -2.72 -7.09 5.01
CA VAL A 220 -3.94 -6.46 5.51
C VAL A 220 -5.14 -6.80 4.62
N LYS A 221 -6.29 -6.99 5.26
CA LYS A 221 -7.58 -7.15 4.59
C LYS A 221 -8.52 -6.04 5.02
N SER A 222 -9.33 -5.53 4.09
CA SER A 222 -10.20 -4.40 4.41
C SER A 222 -11.40 -4.39 3.48
N THR A 223 -12.39 -3.58 3.84
CA THR A 223 -13.59 -3.37 3.05
C THR A 223 -13.45 -2.11 2.18
N ILE A 224 -14.36 -1.97 1.23
CA ILE A 224 -14.32 -0.78 0.38
C ILE A 224 -14.63 0.48 1.19
N GLU A 225 -15.50 0.37 2.20
CA GLU A 225 -15.81 1.52 3.05
C GLU A 225 -14.61 1.95 3.90
N ASP A 226 -13.90 1.00 4.51
CA ASP A 226 -12.73 1.38 5.27
C ASP A 226 -11.63 1.92 4.36
N MET A 227 -11.48 1.37 3.16
CA MET A 227 -10.43 1.86 2.27
C MET A 227 -10.78 3.26 1.77
N ALA A 228 -12.05 3.56 1.54
CA ALA A 228 -12.43 4.93 1.20
C ALA A 228 -12.07 5.87 2.34
N ARG A 229 -12.32 5.45 3.59
CA ARG A 229 -11.95 6.29 4.74
C ARG A 229 -10.44 6.45 4.85
N TRP A 230 -9.68 5.40 4.51
CA TRP A 230 -8.23 5.51 4.45
C TRP A 230 -7.81 6.57 3.43
N VAL A 231 -8.42 6.54 2.24
CA VAL A 231 -8.11 7.58 1.25
C VAL A 231 -8.49 8.96 1.75
N GLN A 232 -9.67 9.10 2.36
CA GLN A 232 -10.07 10.41 2.90
C GLN A 232 -9.04 10.92 3.91
N SER A 233 -8.52 10.02 4.75
CA SER A 233 -7.56 10.40 5.79
C SER A 233 -6.26 10.87 5.17
N ASN A 234 -5.84 10.23 4.08
CA ASN A 234 -4.62 10.60 3.36
C ASN A 234 -4.82 11.84 2.50
N LEU A 235 -6.06 12.10 2.06
CA LEU A 235 -6.37 13.33 1.32
C LEU A 235 -6.43 14.55 2.24
N LYS A 236 -6.86 14.35 3.49
N LYS A 236 -6.89 14.36 3.48
CA LYS A 236 -7.15 15.44 4.42
CA LYS A 236 -7.13 15.47 4.40
C LYS A 236 -6.53 15.13 5.78
C LYS A 236 -6.53 15.12 5.76
N PRO A 237 -5.21 15.11 5.87
CA PRO A 237 -4.59 14.75 7.15
C PRO A 237 -4.95 15.71 8.27
N LEU A 238 -5.26 16.97 7.96
CA LEU A 238 -5.56 17.93 9.03
C LEU A 238 -6.89 17.62 9.71
N ASP A 239 -7.74 16.77 9.12
CA ASP A 239 -8.95 16.36 9.79
C ASP A 239 -8.72 15.31 10.86
N ILE A 240 -7.51 14.78 10.95
N ILE A 240 -7.51 14.77 10.93
CA ILE A 240 -7.19 13.76 11.93
CA ILE A 240 -7.17 13.75 11.92
C ILE A 240 -6.79 14.43 13.23
C ILE A 240 -6.80 14.45 13.22
N ASN A 241 -7.52 14.14 14.29
CA ASN A 241 -7.33 14.86 15.55
C ASN A 241 -6.06 14.44 16.27
N GLU A 242 -5.61 13.22 16.09
CA GLU A 242 -4.38 12.75 16.72
C GLU A 242 -3.19 13.32 15.96
N LYS A 243 -2.44 14.23 16.60
CA LYS A 243 -1.40 14.97 15.89
C LYS A 243 -0.30 14.05 15.33
N THR A 244 0.11 13.02 16.09
CA THR A 244 1.18 12.17 15.57
C THR A 244 0.74 11.42 14.33
N LEU A 245 -0.55 11.08 14.24
CA LEU A 245 -1.06 10.35 13.09
C LEU A 245 -1.26 11.29 11.91
N GLN A 246 -1.80 12.49 12.15
CA GLN A 246 -1.79 13.54 11.14
C GLN A 246 -0.41 13.72 10.55
N GLN A 247 0.61 13.86 11.42
CA GLN A 247 1.96 14.06 10.92
C GLN A 247 2.52 12.81 10.26
N GLY A 248 2.18 11.63 10.77
CA GLY A 248 2.65 10.41 10.13
C GLY A 248 2.14 10.26 8.71
N ILE A 249 0.88 10.63 8.49
CA ILE A 249 0.31 10.64 7.13
C ILE A 249 1.11 11.59 6.25
N GLN A 250 1.39 12.79 6.76
CA GLN A 250 2.15 13.75 5.97
C GLN A 250 3.54 13.24 5.67
N LEU A 251 4.21 12.63 6.65
CA LEU A 251 5.58 12.13 6.46
C LEU A 251 5.62 10.98 5.45
N ALA A 252 4.56 10.17 5.39
CA ALA A 252 4.53 9.07 4.42
C ALA A 252 4.38 9.58 3.00
N GLN A 253 3.89 10.80 2.81
CA GLN A 253 3.80 11.44 1.51
C GLN A 253 4.94 12.42 1.25
N SER A 254 5.91 12.53 2.15
CA SER A 254 7.10 13.29 1.79
C SER A 254 7.89 12.54 0.72
N ARG A 255 8.70 13.29 -0.04
CA ARG A 255 9.45 12.75 -1.18
C ARG A 255 10.90 12.55 -0.75
N TYR A 256 11.32 11.29 -0.62
CA TYR A 256 12.65 10.95 -0.11
C TYR A 256 13.66 10.64 -1.21
N TRP A 257 13.18 10.13 -2.34
CA TRP A 257 14.02 9.76 -3.47
C TRP A 257 13.24 10.05 -4.74
N GLN A 258 13.97 10.29 -5.82
CA GLN A 258 13.38 10.47 -7.14
C GLN A 258 14.04 9.51 -8.12
N THR A 259 13.21 8.87 -8.94
CA THR A 259 13.69 8.16 -10.12
C THR A 259 12.73 8.46 -11.27
N GLY A 260 13.27 9.02 -12.34
CA GLY A 260 12.40 9.49 -13.41
C GLY A 260 11.41 10.48 -12.83
N ASP A 261 10.15 10.29 -13.16
CA ASP A 261 9.09 11.17 -12.66
C ASP A 261 8.43 10.64 -11.39
N MET A 262 8.99 9.63 -10.76
N MET A 262 9.01 9.64 -10.75
CA MET A 262 8.38 9.05 -9.57
CA MET A 262 8.44 9.00 -9.57
C MET A 262 9.19 9.39 -8.32
C MET A 262 9.20 9.42 -8.32
N TYR A 263 8.48 9.63 -7.23
CA TYR A 263 9.06 9.93 -5.94
C TYR A 263 8.64 8.86 -4.95
N GLN A 264 9.58 8.41 -4.13
CA GLN A 264 9.30 7.38 -3.14
C GLN A 264 8.95 8.03 -1.80
N GLY A 265 7.79 7.68 -1.25
CA GLY A 265 7.41 8.01 0.10
C GLY A 265 7.64 6.85 1.04
N LEU A 266 6.91 6.85 2.16
CA LEU A 266 6.89 5.70 3.07
C LEU A 266 5.64 4.90 2.68
N GLY A 267 5.84 3.83 1.93
CA GLY A 267 4.72 3.06 1.40
C GLY A 267 4.13 3.68 0.15
N TRP A 268 3.58 4.88 0.29
CA TRP A 268 3.07 5.59 -0.87
C TRP A 268 4.19 5.92 -1.85
N GLU A 269 3.80 6.00 -3.13
CA GLU A 269 4.59 6.59 -4.20
C GLU A 269 3.83 7.77 -4.77
N MET A 270 4.56 8.73 -5.32
CA MET A 270 3.96 9.99 -5.75
C MET A 270 4.58 10.48 -7.05
N LEU A 271 3.76 11.18 -7.83
CA LEU A 271 4.21 11.90 -9.02
C LEU A 271 3.59 13.29 -8.97
N ASP A 272 4.23 14.26 -9.63
CA ASP A 272 3.59 15.56 -9.75
C ASP A 272 2.31 15.46 -10.57
N TRP A 273 1.27 16.23 -10.12
CA TRP A 273 0.00 16.36 -10.85
C TRP A 273 -0.03 17.70 -11.55
N PRO A 274 -0.40 17.78 -12.85
CA PRO A 274 -0.88 16.67 -13.69
C PRO A 274 0.20 15.67 -14.06
N VAL A 275 -0.19 14.41 -14.09
CA VAL A 275 0.70 13.30 -14.40
C VAL A 275 0.58 12.96 -15.87
N ASN A 276 1.65 12.41 -16.43
CA ASN A 276 1.63 11.75 -17.73
C ASN A 276 1.00 10.38 -17.50
N PRO A 277 -0.22 10.13 -17.96
CA PRO A 277 -0.85 8.83 -17.64
C PRO A 277 -0.04 7.64 -18.12
N ASP A 278 0.66 7.75 -19.25
CA ASP A 278 1.41 6.60 -19.71
C ASP A 278 2.52 6.22 -18.74
N SER A 279 3.06 7.19 -18.01
N SER A 279 3.11 7.22 -18.07
CA SER A 279 4.13 6.87 -17.07
CA SER A 279 4.11 6.97 -17.02
C SER A 279 3.62 6.07 -15.87
C SER A 279 3.55 6.01 -15.98
N ILE A 280 2.43 6.39 -15.36
CA ILE A 280 1.91 5.62 -14.23
C ILE A 280 1.38 4.28 -14.71
N ILE A 281 0.76 4.24 -15.90
CA ILE A 281 0.25 2.97 -16.41
C ILE A 281 1.41 2.03 -16.71
N ASN A 282 2.36 2.49 -17.51
CA ASN A 282 3.47 1.64 -17.91
C ASN A 282 4.37 1.32 -16.72
N GLY A 283 4.58 2.30 -15.84
CA GLY A 283 5.47 2.09 -14.71
C GLY A 283 4.95 1.09 -13.71
N SER A 284 3.67 0.75 -13.78
CA SER A 284 3.09 -0.21 -12.85
C SER A 284 3.31 -1.65 -13.28
N ASP A 285 3.72 -1.88 -14.53
CA ASP A 285 4.02 -3.23 -14.98
C ASP A 285 5.13 -3.81 -14.12
N ASN A 286 4.96 -5.05 -13.68
CA ASN A 286 5.95 -5.61 -12.74
C ASN A 286 7.35 -5.69 -13.32
N LYS A 287 7.48 -5.86 -14.63
CA LYS A 287 8.81 -5.85 -15.23
C LYS A 287 9.54 -4.53 -14.95
N ILE A 288 8.81 -3.44 -14.85
CA ILE A 288 9.39 -2.13 -14.58
C ILE A 288 9.41 -1.83 -13.09
N ALA A 289 8.26 -1.99 -12.45
CA ALA A 289 8.13 -1.60 -11.05
C ALA A 289 9.10 -2.36 -10.16
N LEU A 290 9.45 -3.58 -10.53
CA LEU A 290 10.29 -4.42 -9.69
C LEU A 290 11.76 -4.41 -10.09
N ALA A 291 12.12 -3.66 -11.12
CA ALA A 291 13.51 -3.59 -11.54
C ALA A 291 14.29 -2.64 -10.65
N ALA A 292 15.59 -2.88 -10.56
CA ALA A 292 16.47 -1.97 -9.83
C ALA A 292 16.71 -0.74 -10.68
N ARG A 293 16.64 0.43 -10.04
N ARG A 293 16.56 0.44 -10.10
CA ARG A 293 16.77 1.72 -10.70
CA ARG A 293 16.95 1.64 -10.82
C ARG A 293 17.58 2.64 -9.80
C ARG A 293 17.58 2.64 -9.86
N PRO A 294 18.51 3.43 -10.35
CA PRO A 294 19.19 4.42 -9.51
C PRO A 294 18.23 5.49 -8.99
N VAL A 295 18.52 5.97 -7.79
CA VAL A 295 17.73 7.02 -7.16
C VAL A 295 18.61 8.22 -6.85
N LYS A 296 17.98 9.39 -6.89
CA LYS A 296 18.57 10.63 -6.40
C LYS A 296 17.92 10.98 -5.06
N ALA A 297 18.76 11.25 -4.06
CA ALA A 297 18.28 11.63 -2.76
C ALA A 297 17.67 13.02 -2.82
N ILE A 298 16.63 13.23 -2.02
CA ILE A 298 16.03 14.54 -1.81
C ILE A 298 16.27 14.87 -0.34
N THR A 299 17.18 15.82 -0.08
CA THR A 299 17.59 16.15 1.28
C THR A 299 17.48 17.66 1.46
N PRO A 300 16.63 18.16 2.35
CA PRO A 300 15.68 17.36 3.12
C PRO A 300 14.55 16.84 2.23
N PRO A 301 13.88 15.78 2.67
CA PRO A 301 12.74 15.29 1.89
C PRO A 301 11.74 16.41 1.63
N THR A 302 11.13 16.41 0.44
CA THR A 302 10.15 17.43 0.14
C THR A 302 8.91 17.17 0.98
N PRO A 303 8.42 18.14 1.75
CA PRO A 303 7.15 17.93 2.46
C PRO A 303 6.02 17.63 1.48
N ALA A 304 5.05 16.83 1.93
CA ALA A 304 3.97 16.36 1.07
C ALA A 304 3.44 17.47 0.18
N VAL A 305 3.42 17.19 -1.12
CA VAL A 305 3.02 18.14 -2.14
C VAL A 305 1.55 17.88 -2.49
N ARG A 306 0.70 18.90 -2.31
CA ARG A 306 -0.74 18.68 -2.54
C ARG A 306 -1.03 18.34 -4.00
N ALA A 307 -0.33 18.97 -4.94
CA ALA A 307 -0.49 18.70 -6.37
C ALA A 307 0.34 17.47 -6.76
N SER A 308 -0.11 16.32 -6.26
CA SER A 308 0.50 15.03 -6.54
C SER A 308 -0.57 14.00 -6.90
N TRP A 309 -0.17 13.04 -7.72
CA TRP A 309 -0.86 11.76 -7.85
C TRP A 309 -0.16 10.82 -6.88
N VAL A 310 -0.89 10.36 -5.87
CA VAL A 310 -0.35 9.52 -4.80
C VAL A 310 -1.01 8.15 -4.95
N HIS A 311 -0.21 7.07 -4.97
CA HIS A 311 -0.83 5.80 -5.31
C HIS A 311 -0.03 4.60 -4.80
N LYS A 312 -0.69 3.43 -4.85
CA LYS A 312 -0.06 2.15 -4.55
C LYS A 312 -0.88 1.02 -5.15
N THR A 313 -0.20 0.08 -5.80
CA THR A 313 -0.73 -1.19 -6.27
C THR A 313 -0.53 -2.29 -5.23
N GLY A 314 -1.34 -3.34 -5.33
CA GLY A 314 -1.10 -4.53 -4.55
C GLY A 314 -1.75 -5.75 -5.15
N ALA A 315 -1.18 -6.91 -4.86
CA ALA A 315 -1.73 -8.16 -5.34
C ALA A 315 -1.35 -9.26 -4.37
N THR A 316 -2.20 -10.27 -4.30
CA THR A 316 -1.87 -11.58 -3.76
C THR A 316 -2.20 -12.60 -4.86
N GLY A 317 -2.07 -13.89 -4.54
CA GLY A 317 -2.36 -14.89 -5.56
C GLY A 317 -3.74 -14.74 -6.15
N GLY A 318 -4.71 -14.35 -5.32
CA GLY A 318 -6.09 -14.28 -5.75
C GLY A 318 -6.74 -12.90 -5.79
N PHE A 319 -5.99 -11.84 -5.53
CA PHE A 319 -6.57 -10.50 -5.43
C PHE A 319 -5.70 -9.47 -6.13
N GLY A 320 -6.33 -8.39 -6.57
CA GLY A 320 -5.64 -7.26 -7.15
C GLY A 320 -6.29 -5.96 -6.67
N SER A 321 -5.48 -5.04 -6.14
N SER A 321 -5.47 -5.04 -6.13
CA SER A 321 -5.96 -3.81 -5.53
CA SER A 321 -5.97 -3.81 -5.53
C SER A 321 -5.20 -2.62 -6.10
C SER A 321 -5.21 -2.62 -6.11
N TYR A 322 -5.84 -1.46 -6.00
CA TYR A 322 -5.20 -0.22 -6.41
C TYR A 322 -5.86 0.93 -5.67
N VAL A 323 -5.03 1.87 -5.20
N VAL A 323 -5.04 1.88 -5.21
CA VAL A 323 -5.49 3.09 -4.57
CA VAL A 323 -5.54 3.10 -4.59
C VAL A 323 -4.74 4.25 -5.19
C VAL A 323 -4.74 4.27 -5.15
N ALA A 324 -5.45 5.33 -5.53
CA ALA A 324 -4.82 6.54 -6.03
C ALA A 324 -5.63 7.75 -5.58
N PHE A 325 -4.93 8.87 -5.32
CA PHE A 325 -5.62 10.09 -4.94
C PHE A 325 -4.79 11.32 -5.26
N ILE A 326 -5.48 12.45 -5.34
CA ILE A 326 -4.88 13.74 -5.70
C ILE A 326 -5.31 14.75 -4.63
N PRO A 327 -4.48 15.03 -3.64
CA PRO A 327 -4.94 15.89 -2.53
C PRO A 327 -5.49 17.23 -2.98
N GLU A 328 -4.84 17.91 -3.92
CA GLU A 328 -5.28 19.24 -4.35
C GLU A 328 -6.69 19.22 -4.90
N LYS A 329 -7.13 18.10 -5.47
CA LYS A 329 -8.42 18.03 -6.11
C LYS A 329 -9.47 17.33 -5.27
N GLU A 330 -9.10 16.85 -4.07
N GLU A 330 -9.11 16.79 -4.11
CA GLU A 330 -9.96 16.05 -3.18
CA GLU A 330 -10.07 16.04 -3.29
C GLU A 330 -10.65 14.92 -3.94
C GLU A 330 -10.60 14.83 -4.05
N LEU A 331 -9.83 14.18 -4.65
N LEU A 331 -9.83 14.33 -5.01
CA LEU A 331 -10.28 13.21 -5.63
CA LEU A 331 -10.22 13.19 -5.82
C LEU A 331 -9.47 11.95 -5.47
C LEU A 331 -9.48 11.95 -5.37
N GLY A 332 -10.15 10.79 -5.41
CA GLY A 332 -9.43 9.55 -5.25
C GLY A 332 -10.26 8.36 -5.69
N ILE A 333 -9.60 7.20 -5.71
CA ILE A 333 -10.27 5.96 -6.09
C ILE A 333 -9.62 4.80 -5.36
N VAL A 334 -10.47 3.82 -5.01
CA VAL A 334 -10.05 2.53 -4.51
C VAL A 334 -10.70 1.47 -5.41
N MET A 335 -9.90 0.50 -5.87
CA MET A 335 -10.38 -0.60 -6.70
C MET A 335 -9.92 -1.90 -6.05
N LEU A 336 -10.87 -2.71 -5.57
CA LEU A 336 -10.57 -4.00 -4.93
C LEU A 336 -11.22 -5.11 -5.74
N ALA A 337 -10.44 -6.09 -6.15
CA ALA A 337 -10.92 -7.22 -6.94
C ALA A 337 -10.39 -8.52 -6.38
N ASN A 338 -11.19 -9.57 -6.54
CA ASN A 338 -10.79 -10.92 -6.12
C ASN A 338 -10.29 -11.78 -7.29
N LYS A 339 -9.53 -11.15 -8.19
N LYS A 339 -9.50 -11.15 -8.17
CA LYS A 339 -8.62 -11.82 -9.11
CA LYS A 339 -8.62 -11.83 -9.10
C LYS A 339 -7.40 -10.90 -9.22
C LYS A 339 -7.42 -10.92 -9.31
N ASN A 340 -6.22 -11.50 -9.33
CA ASN A 340 -5.00 -10.74 -9.61
C ASN A 340 -4.95 -10.55 -11.12
N TYR A 341 -5.11 -9.33 -11.60
CA TYR A 341 -5.07 -9.00 -13.01
C TYR A 341 -4.05 -7.89 -13.18
N PRO A 342 -3.56 -7.66 -14.40
CA PRO A 342 -2.36 -6.82 -14.54
C PRO A 342 -2.51 -5.40 -14.03
N ASN A 343 -1.47 -4.93 -13.35
CA ASN A 343 -1.45 -3.58 -12.82
C ASN A 343 -1.77 -2.52 -13.87
N PRO A 344 -1.23 -2.56 -15.09
CA PRO A 344 -1.52 -1.45 -16.02
C PRO A 344 -3.00 -1.29 -16.30
N ALA A 345 -3.76 -2.39 -16.33
CA ALA A 345 -5.21 -2.30 -16.55
C ALA A 345 -5.89 -1.56 -15.41
N ARG A 346 -5.43 -1.78 -14.17
CA ARG A 346 -5.97 -1.08 -13.00
C ARG A 346 -5.71 0.40 -13.08
N VAL A 347 -4.45 0.76 -13.36
CA VAL A 347 -4.05 2.16 -13.34
C VAL A 347 -4.73 2.90 -14.48
N ASP A 348 -4.83 2.27 -15.65
N ASP A 348 -4.84 2.27 -15.66
CA ASP A 348 -5.51 2.92 -16.77
CA ASP A 348 -5.50 2.92 -16.78
C ASP A 348 -6.94 3.25 -16.41
C ASP A 348 -6.95 3.23 -16.45
N ALA A 349 -7.66 2.29 -15.83
CA ALA A 349 -9.05 2.52 -15.47
C ALA A 349 -9.16 3.63 -14.43
N ALA A 350 -8.28 3.63 -13.43
CA ALA A 350 -8.30 4.68 -12.42
C ALA A 350 -8.07 6.05 -13.03
N TRP A 351 -7.11 6.16 -13.94
N TRP A 351 -7.07 6.14 -13.91
CA TRP A 351 -6.85 7.47 -14.52
CA TRP A 351 -6.81 7.39 -14.63
C TRP A 351 -8.00 7.90 -15.42
C TRP A 351 -8.04 7.87 -15.37
N GLN A 352 -8.64 6.97 -16.15
CA GLN A 352 -9.79 7.38 -16.95
C GLN A 352 -10.88 7.99 -16.09
N ILE A 353 -11.13 7.38 -14.92
CA ILE A 353 -12.17 7.87 -14.04
C ILE A 353 -11.78 9.22 -13.42
N LEU A 354 -10.59 9.30 -12.82
CA LEU A 354 -10.24 10.56 -12.16
C LEU A 354 -10.04 11.69 -13.16
N ASN A 355 -9.48 11.39 -14.34
CA ASN A 355 -9.33 12.42 -15.36
C ASN A 355 -10.68 12.96 -15.79
N ALA A 356 -11.69 12.10 -15.90
CA ALA A 356 -13.03 12.54 -16.30
C ALA A 356 -13.67 13.45 -15.26
N LEU A 357 -13.26 13.33 -13.99
CA LEU A 357 -13.91 14.02 -12.90
C LEU A 357 -13.13 15.22 -12.39
N GLN A 358 -11.96 15.50 -12.92
N GLN A 358 -11.95 15.49 -12.91
CA GLN A 358 -11.17 16.62 -12.43
CA GLN A 358 -11.14 16.59 -12.40
C GLN A 358 -11.82 17.95 -12.82
C GLN A 358 -11.76 17.94 -12.76
C1 PEG B . 14.14 -7.96 17.24
C1 PEG B . 13.93 -7.84 15.70
O1 PEG B . 14.07 -9.32 17.57
O1 PEG B . 13.97 -8.73 16.78
C2 PEG B . 14.13 -7.81 15.71
C2 PEG B . 13.37 -8.54 14.47
O2 PEG B . 13.06 -8.52 15.18
O2 PEG B . 12.04 -8.89 14.68
C3 PEG B . 12.86 -8.30 13.80
C3 PEG B . 11.30 -9.09 13.52
C4 PEG B . 11.68 -9.13 13.33
C4 PEG B . 10.45 -10.35 13.63
O4 PEG B . 10.60 -8.97 14.22
O4 PEG B . 9.32 -10.10 14.43
OAF C8V C . 1.70 -5.31 -5.80
OAF C8V C . 2.63 -4.42 -8.22
SAZ C8V C . 2.84 -4.48 -6.38
SAZ C8V C . 3.12 -4.43 -6.79
OAD C8V C . 2.77 -4.54 -7.88
OAD C8V C . 1.99 -4.85 -5.89
OAE C8V C . 2.69 -3.10 -5.91
OAE C8V C . 3.45 -3.06 -6.34
OAS C8V C . 4.37 -4.98 -5.99
OAS C8V C . 4.55 -5.20 -6.47
NAR C8V C . 4.46 -6.29 -6.46
NAR C8V C . 4.25 -5.69 -5.21
CAV C8V C . 5.30 -7.07 -5.51
CAV C8V C . 5.17 -6.85 -4.94
CAK C8V C . 5.11 -8.51 -5.80
CAK C8V C . 4.94 -7.97 -5.89
CB C8V C . 3.70 -8.97 -5.74
CB C8V C . 3.63 -8.61 -5.74
CAN C8V C . 4.85 -6.82 -4.10
CAN C8V C . 4.90 -7.27 -3.51
N C8V C . 3.38 -7.17 -4.04
N C8V C . 3.43 -7.63 -3.35
CAG C8V C . 2.39 -6.50 -3.26
CAG C8V C . 2.45 -6.58 -3.16
OAA C8V C . 1.24 -6.78 -3.40
OAA C8V C . 1.31 -6.72 -3.51
CA C8V C . 3.01 -8.54 -4.44
CA C8V C . 3.08 -8.72 -4.32
C C8V C . 3.33 -9.57 -3.37
C C8V C . 3.50 -9.98 -3.58
O C8V C . 4.48 -9.76 -3.08
O C8V C . 4.24 -10.05 -2.64
NAQ C8V C . 2.21 -10.28 -2.75
NAQ C8V C . 2.85 -11.16 -4.07
NAP C8V C . 2.49 -11.30 -1.80
NAP C8V C . 3.20 -12.33 -3.37
CAT C8V C . 3.01 -12.51 -2.51
CAT C8V C . 2.73 -12.33 -1.98
OAB C8V C . 3.14 -12.44 -3.68
OAB C8V C . 2.11 -11.42 -1.55
CAW C8V C . 3.49 -13.85 -1.85
CAW C8V C . 3.13 -13.55 -1.07
CAJ C8V C . 2.47 -14.73 -1.33
CAJ C8V C . 4.59 -13.48 -1.06
CAH C8V C . 3.12 -15.95 -0.76
CAH C8V C . 5.20 -14.61 -0.30
CAI C8V C . 4.65 -15.93 -0.72
CAI C8V C . 4.67 -15.95 -0.79
NAO C8V C . 5.25 -14.65 -0.30
NAO C8V C . 3.20 -15.98 -0.84
CAM C8V C . 4.47 -13.48 -0.73
CAM C8V C . 2.65 -14.88 -1.65
ZN ZN D . -22.29 -0.33 -20.92
CL CL E . -21.97 1.65 -21.97
#